data_4DE8
#
_entry.id   4DE8
#
_cell.length_a   73.187
_cell.length_b   73.187
_cell.length_c   163.835
_cell.angle_alpha   90.00
_cell.angle_beta   90.00
_cell.angle_gamma   90.00
#
_symmetry.space_group_name_H-M   'P 43 21 2'
#
loop_
_entity.id
_entity.type
_entity.pdbx_description
1 polymer Cps2A
2 non-polymer '(2Z,6Z,10Z,14Z,18Z,22Z,26Z)-3,7,11,15,19,23,27,31-octamethyldotriaconta-2,6,10,14,18,22,26,30-octaen-1-yl dihydrogen phosphate'
3 non-polymer DI(HYDROXYETHYL)ETHER
4 water water
#
_entity_poly.entity_id   1
_entity_poly.type   'polypeptide(L)'
_entity_poly.pdbx_seq_one_letter_code
;GLTNRLNATSNYSEYSLSVAVLADSEIENVTQLTSVTAPTGTDNENIQKLLADIKSSQNTDLTVNQSSSYLAAYKSLIAG
ETKAIVLNSVFENIIELEYPDYASKIKKIYTKGFTKKVEAPKTSKNQSFNIYVSGIDTYGPISSVSRSDVNILMTVNRDT
KKILLTTTPADAYVPIADGGNNQKDKLTHAGIYGVDSSIHTLENLYGVDINYYVRLNFTSFLKMIDLLGGVDVHNDQEFS
ALHGKFHFPVGNVHLDSEQALGFVRERYSLADGDRDRGRNQQKVIVAILQKLTSTEALKNYSTIINSLQDSIQTNVPLET
MINLVNAQLESGGNYKVNSQDLKGTGRMDLPSYAMPDSNLYVMEIDDSSLAVVKAAIQDVMEGRKLAAALEHHHHHH
;
_entity_poly.pdbx_strand_id   A
#
loop_
_chem_comp.id
_chem_comp.type
_chem_comp.name
_chem_comp.formula
0K3 non-polymer '(2Z,6Z,10Z,14Z,18Z,22Z,26Z)-3,7,11,15,19,23,27,31-octamethyldotriaconta-2,6,10,14,18,22,26,30-octaen-1-yl dihydrogen phosphate' 'C40 H67 O4 P'
PEG non-polymer DI(HYDROXYETHYL)ETHER 'C4 H10 O3'
#
# COMPACT_ATOMS: atom_id res chain seq x y z
N GLU A 14 -3.69 12.03 8.69
CA GLU A 14 -4.47 12.07 9.93
C GLU A 14 -4.05 10.98 10.90
N TYR A 15 -3.16 11.32 11.83
CA TYR A 15 -2.67 10.39 12.84
C TYR A 15 -2.51 11.13 14.15
N SER A 16 -2.10 10.42 15.21
CA SER A 16 -1.94 11.04 16.51
C SER A 16 -0.82 10.40 17.32
N LEU A 17 -0.25 11.18 18.22
CA LEU A 17 0.68 10.67 19.21
C LEU A 17 0.07 10.86 20.59
N SER A 18 0.19 9.84 21.41
CA SER A 18 -0.36 9.88 22.76
CA SER A 18 -0.36 9.87 22.75
C SER A 18 0.66 9.44 23.79
N VAL A 19 0.42 9.80 25.03
CA VAL A 19 1.18 9.26 26.14
C VAL A 19 0.32 8.11 26.67
N ALA A 20 0.89 6.91 26.69
CA ALA A 20 0.16 5.72 27.12
C ALA A 20 0.78 5.12 28.37
N VAL A 21 -0.08 4.56 29.22
CA VAL A 21 0.35 3.83 30.41
C VAL A 21 -0.47 2.55 30.45
N LEU A 22 -0.15 1.65 31.38
CA LEU A 22 -0.90 0.40 31.48
C LEU A 22 -2.35 0.68 31.91
N ALA A 23 -3.27 -0.15 31.44
CA ALA A 23 -4.69 0.08 31.65
C ALA A 23 -5.03 0.32 33.13
N ASP A 24 -4.32 -0.37 34.01
CA ASP A 24 -4.63 -0.30 35.44
C ASP A 24 -3.68 0.61 36.21
N SER A 25 -2.89 1.41 35.49
CA SER A 25 -2.00 2.36 36.13
C SER A 25 -2.77 3.38 36.95
N GLU A 26 -2.18 3.81 38.05
CA GLU A 26 -2.76 4.86 38.89
C GLU A 26 -2.60 6.22 38.21
N ILE A 27 -1.71 6.30 37.22
CA ILE A 27 -1.45 7.53 36.50
C ILE A 27 -2.69 7.97 35.71
N GLU A 28 -3.09 9.22 35.93
CA GLU A 28 -4.29 9.78 35.29
C GLU A 28 -3.97 10.90 34.31
N ASN A 29 -2.87 11.61 34.54
CA ASN A 29 -2.51 12.74 33.69
C ASN A 29 -0.99 12.97 33.61
N VAL A 30 -0.55 13.63 32.56
CA VAL A 30 0.87 13.70 32.23
C VAL A 30 1.70 14.49 33.24
N THR A 31 1.06 15.37 34.01
CA THR A 31 1.78 16.19 34.97
C THR A 31 2.34 15.33 36.11
N GLN A 32 1.90 14.07 36.19
CA GLN A 32 2.40 13.16 37.21
C GLN A 32 3.68 12.46 36.76
N LEU A 33 4.04 12.64 35.50
CA LEU A 33 5.21 11.97 34.94
C LEU A 33 6.42 12.88 34.94
N THR A 34 7.60 12.27 35.05
CA THR A 34 8.87 12.97 34.93
C THR A 34 9.58 12.60 33.63
N SER A 35 9.33 11.40 33.15
CA SER A 35 9.93 10.95 31.89
C SER A 35 8.94 10.14 31.06
N VAL A 36 9.33 9.85 29.83
CA VAL A 36 8.52 9.02 28.95
C VAL A 36 9.45 8.28 28.02
N THR A 37 9.12 7.03 27.71
CA THR A 37 9.95 6.20 26.84
C THR A 37 9.46 6.33 25.41
N ALA A 38 10.39 6.58 24.49
CA ALA A 38 10.03 6.82 23.09
C ALA A 38 11.20 6.56 22.15
N PRO A 39 10.91 6.22 20.89
CA PRO A 39 11.96 5.99 19.89
C PRO A 39 12.42 7.27 19.18
N THR A 40 13.12 8.14 19.91
CA THR A 40 13.60 9.38 19.34
C THR A 40 14.66 9.15 18.26
N GLY A 41 15.12 7.91 18.14
CA GLY A 41 16.07 7.56 17.11
C GLY A 41 15.47 7.54 15.71
N THR A 42 14.17 7.23 15.63
CA THR A 42 13.52 7.05 14.34
C THR A 42 12.22 7.86 14.14
N ASP A 43 11.74 8.53 15.17
CA ASP A 43 10.52 9.32 15.06
C ASP A 43 10.65 10.62 15.85
N ASN A 44 11.85 11.18 15.84
CA ASN A 44 12.17 12.31 16.70
C ASN A 44 11.32 13.56 16.45
N GLU A 45 11.03 13.84 15.19
CA GLU A 45 10.28 15.05 14.85
C GLU A 45 8.89 15.05 15.48
N ASN A 46 8.14 13.98 15.23
CA ASN A 46 6.82 13.83 15.84
C ASN A 46 6.90 13.88 17.36
N ILE A 47 7.81 13.08 17.92
CA ILE A 47 7.97 12.98 19.37
C ILE A 47 8.24 14.35 20.00
N GLN A 48 9.18 15.08 19.43
CA GLN A 48 9.55 16.39 19.98
C GLN A 48 8.39 17.38 19.90
N LYS A 49 7.55 17.25 18.86
CA LYS A 49 6.36 18.08 18.75
C LYS A 49 5.42 17.82 19.91
N LEU A 50 5.23 16.54 20.23
CA LEU A 50 4.36 16.17 21.34
C LEU A 50 4.89 16.74 22.66
N LEU A 51 6.19 16.62 22.87
CA LEU A 51 6.81 17.07 24.11
C LEU A 51 6.77 18.58 24.24
N ALA A 52 6.84 19.29 23.11
CA ALA A 52 6.73 20.74 23.12
C ALA A 52 5.29 21.14 23.42
N ASP A 53 4.36 20.36 22.88
CA ASP A 53 2.94 20.60 23.08
C ASP A 53 2.55 20.32 24.54
N ILE A 54 3.18 19.32 25.14
CA ILE A 54 2.94 19.00 26.54
C ILE A 54 3.49 20.08 27.45
N LYS A 55 4.71 20.54 27.16
CA LYS A 55 5.34 21.57 27.97
C LYS A 55 4.58 22.89 27.89
N SER A 56 3.91 23.12 26.76
CA SER A 56 3.21 24.38 26.55
C SER A 56 1.85 24.42 27.24
N SER A 57 1.08 23.35 27.09
CA SER A 57 -0.29 23.34 27.61
C SER A 57 -0.39 22.80 29.03
N GLN A 58 0.67 22.18 29.52
CA GLN A 58 0.66 21.57 30.85
C GLN A 58 1.87 21.97 31.69
N ASN A 59 2.74 22.81 31.13
CA ASN A 59 3.96 23.20 31.80
C ASN A 59 4.65 21.99 32.45
N THR A 60 4.84 20.95 31.64
CA THR A 60 5.53 19.75 32.08
C THR A 60 6.68 19.44 31.13
N ASP A 61 7.88 19.26 31.69
CA ASP A 61 9.06 18.96 30.90
C ASP A 61 9.50 17.53 31.17
N LEU A 62 9.33 16.66 30.18
CA LEU A 62 9.62 15.25 30.35
C LEU A 62 10.96 14.87 29.71
N THR A 63 11.77 14.12 30.45
CA THR A 63 12.99 13.55 29.90
C THR A 63 12.62 12.30 29.11
N VAL A 64 13.40 11.99 28.09
CA VAL A 64 13.08 10.87 27.22
C VAL A 64 14.03 9.70 27.42
N ASN A 65 13.46 8.55 27.73
CA ASN A 65 14.21 7.30 27.77
C ASN A 65 14.11 6.65 26.40
N GLN A 66 15.15 6.81 25.58
CA GLN A 66 15.08 6.34 24.21
C GLN A 66 14.89 4.83 24.12
N SER A 67 14.01 4.42 23.20
CA SER A 67 13.83 3.01 22.88
C SER A 67 14.19 2.79 21.41
N SER A 68 14.47 1.54 21.04
CA SER A 68 14.88 1.24 19.68
C SER A 68 13.72 1.33 18.69
N SER A 69 12.49 1.35 19.21
CA SER A 69 11.30 1.36 18.37
C SER A 69 10.05 1.50 19.21
N TYR A 70 8.90 1.69 18.56
CA TYR A 70 7.63 1.74 19.27
C TYR A 70 7.29 0.37 19.86
N LEU A 71 7.59 -0.69 19.11
CA LEU A 71 7.40 -2.05 19.62
C LEU A 71 8.20 -2.25 20.92
N ALA A 72 9.45 -1.78 20.92
CA ALA A 72 10.32 -1.94 22.08
C ALA A 72 9.79 -1.16 23.27
N ALA A 73 9.31 0.06 23.01
CA ALA A 73 8.71 0.88 24.05
C ALA A 73 7.51 0.18 24.67
N TYR A 74 6.68 -0.42 23.82
CA TYR A 74 5.50 -1.15 24.28
C TYR A 74 5.91 -2.35 25.15
N LYS A 75 6.93 -3.07 24.72
CA LYS A 75 7.44 -4.20 25.50
C LYS A 75 7.91 -3.73 26.88
N SER A 76 8.60 -2.60 26.92
CA SER A 76 9.08 -2.05 28.18
C SER A 76 7.91 -1.69 29.09
N LEU A 77 6.86 -1.14 28.51
CA LEU A 77 5.67 -0.76 29.27
C LEU A 77 5.02 -1.97 29.93
N ILE A 78 4.74 -3.00 29.14
CA ILE A 78 4.05 -4.17 29.66
C ILE A 78 4.94 -4.98 30.60
N ALA A 79 6.25 -4.77 30.50
CA ALA A 79 7.20 -5.45 31.37
C ALA A 79 7.39 -4.71 32.69
N GLY A 80 6.85 -3.50 32.79
CA GLY A 80 6.97 -2.73 34.01
C GLY A 80 8.32 -2.06 34.14
N GLU A 81 9.03 -1.95 33.01
CA GLU A 81 10.36 -1.35 32.98
C GLU A 81 10.26 0.17 32.81
N THR A 82 9.09 0.64 32.38
CA THR A 82 8.84 2.07 32.30
C THR A 82 7.37 2.34 32.63
N LYS A 83 7.08 3.53 33.14
CA LYS A 83 5.73 3.88 33.56
C LYS A 83 4.87 4.35 32.39
N ALA A 84 5.50 4.98 31.41
CA ALA A 84 4.78 5.65 30.34
C ALA A 84 5.58 5.62 29.05
N ILE A 85 4.86 5.54 27.93
CA ILE A 85 5.49 5.61 26.62
C ILE A 85 4.77 6.61 25.73
N VAL A 86 5.47 7.05 24.70
CA VAL A 86 4.85 7.76 23.60
C VAL A 86 4.42 6.72 22.57
N LEU A 87 3.23 6.92 22.01
CA LEU A 87 2.70 6.01 21.01
C LEU A 87 2.20 6.80 19.81
N ASN A 88 2.80 6.55 18.66
CA ASN A 88 2.33 7.10 17.38
C ASN A 88 1.30 6.13 16.83
N SER A 89 0.10 6.62 16.55
CA SER A 89 -1.02 5.75 16.18
C SER A 89 -0.70 4.86 14.98
N VAL A 90 0.09 5.38 14.03
CA VAL A 90 0.49 4.58 12.88
C VAL A 90 1.14 3.27 13.32
N PHE A 91 1.94 3.34 14.37
CA PHE A 91 2.72 2.19 14.80
C PHE A 91 1.96 1.24 15.73
N GLU A 92 0.79 1.64 16.16
CA GLU A 92 -0.10 0.73 16.87
C GLU A 92 -0.38 -0.47 15.98
N ASN A 93 -0.52 -0.21 14.69
CA ASN A 93 -0.78 -1.27 13.72
C ASN A 93 0.43 -2.18 13.50
N ILE A 94 1.62 -1.70 13.83
CA ILE A 94 2.83 -2.50 13.76
C ILE A 94 2.94 -3.35 15.03
N ILE A 95 2.71 -2.72 16.18
CA ILE A 95 2.70 -3.42 17.46
C ILE A 95 1.69 -4.57 17.41
N GLU A 96 0.55 -4.32 16.76
CA GLU A 96 -0.52 -5.30 16.68
C GLU A 96 -0.09 -6.60 15.98
N LEU A 97 0.93 -6.52 15.13
CA LEU A 97 1.42 -7.70 14.42
C LEU A 97 1.97 -8.76 15.38
N GLU A 98 2.59 -8.32 16.46
CA GLU A 98 3.13 -9.24 17.45
C GLU A 98 2.28 -9.31 18.73
N TYR A 99 1.49 -8.26 18.97
CA TYR A 99 0.64 -8.17 20.16
C TYR A 99 -0.77 -7.76 19.78
N PRO A 100 -1.56 -8.72 19.28
CA PRO A 100 -2.90 -8.38 18.77
C PRO A 100 -3.85 -7.82 19.81
N ASP A 101 -3.60 -8.06 21.10
CA ASP A 101 -4.48 -7.52 22.14
C ASP A 101 -3.95 -6.23 22.79
N TYR A 102 -2.97 -5.59 22.16
CA TYR A 102 -2.30 -4.43 22.76
C TYR A 102 -3.28 -3.34 23.23
N ALA A 103 -4.34 -3.11 22.46
CA ALA A 103 -5.28 -2.01 22.75
C ALA A 103 -5.91 -2.16 24.14
N SER A 104 -6.17 -3.41 24.53
CA SER A 104 -6.83 -3.68 25.80
C SER A 104 -5.88 -3.58 26.98
N LYS A 105 -4.58 -3.53 26.70
CA LYS A 105 -3.57 -3.54 27.77
C LYS A 105 -3.18 -2.14 28.22
N ILE A 106 -3.64 -1.11 27.50
CA ILE A 106 -3.19 0.25 27.75
C ILE A 106 -4.33 1.26 27.91
N LYS A 107 -4.00 2.41 28.48
CA LYS A 107 -4.85 3.58 28.40
C LYS A 107 -4.03 4.79 27.96
N LYS A 108 -4.70 5.79 27.40
CA LYS A 108 -4.02 6.98 26.92
C LYS A 108 -4.44 8.16 27.79
N ILE A 109 -3.46 8.94 28.23
CA ILE A 109 -3.72 10.04 29.18
C ILE A 109 -3.45 11.42 28.59
N TYR A 110 -2.92 11.46 27.37
CA TYR A 110 -2.67 12.73 26.68
C TYR A 110 -2.61 12.45 25.19
N THR A 111 -3.35 13.21 24.39
CA THR A 111 -3.41 12.96 22.96
C THR A 111 -3.21 14.22 22.14
N LYS A 112 -2.36 14.13 21.12
CA LYS A 112 -2.21 15.23 20.16
C LYS A 112 -2.48 14.73 18.75
N GLY A 113 -3.38 15.41 18.06
CA GLY A 113 -3.66 15.09 16.67
C GLY A 113 -2.67 15.76 15.74
N PHE A 114 -2.26 15.02 14.72
CA PHE A 114 -1.41 15.55 13.65
C PHE A 114 -2.14 15.38 12.33
N THR A 115 -1.70 16.12 11.32
CA THR A 115 -2.24 15.99 9.98
C THR A 115 -1.14 16.13 8.94
N LYS A 116 -1.22 15.29 7.91
CA LYS A 116 -0.30 15.40 6.78
C LYS A 116 -1.00 14.94 5.51
N LYS A 117 -0.73 15.61 4.40
CA LYS A 117 -1.15 15.11 3.11
C LYS A 117 -0.14 14.07 2.66
N VAL A 118 -0.64 13.00 2.06
CA VAL A 118 0.25 11.99 1.51
C VAL A 118 0.98 12.56 0.29
N GLU A 119 1.38 11.70 -0.62
CA GLU A 119 2.15 12.12 -1.78
C GLU A 119 1.43 13.21 -2.58
N ALA A 120 2.14 14.31 -2.83
CA ALA A 120 1.68 15.27 -3.83
C ALA A 120 1.88 14.64 -5.20
N PRO A 121 0.98 14.93 -6.15
CA PRO A 121 1.14 14.37 -7.49
C PRO A 121 2.28 15.02 -8.25
N LYS A 122 3.04 14.24 -8.99
CA LYS A 122 4.11 14.78 -9.83
C LYS A 122 3.65 14.72 -11.28
N THR A 123 3.50 15.88 -11.91
CA THR A 123 3.13 15.93 -13.31
C THR A 123 4.33 15.63 -14.19
N SER A 124 4.20 14.64 -15.06
CA SER A 124 5.29 14.30 -15.97
C SER A 124 5.49 15.41 -17.00
N LYS A 125 6.75 15.70 -17.30
CA LYS A 125 7.07 16.72 -18.30
C LYS A 125 6.96 16.16 -19.71
N ASN A 126 6.83 14.84 -19.84
CA ASN A 126 6.74 14.24 -21.16
C ASN A 126 5.57 13.26 -21.30
N GLN A 127 5.63 12.43 -22.33
CA GLN A 127 4.52 11.60 -22.76
C GLN A 127 4.22 10.42 -21.82
N SER A 128 5.12 10.17 -20.87
CA SER A 128 5.01 8.98 -20.03
C SER A 128 4.81 9.32 -18.56
N PHE A 129 4.06 8.47 -17.86
CA PHE A 129 3.91 8.62 -16.43
C PHE A 129 3.76 7.26 -15.76
N ASN A 130 3.93 7.23 -14.45
CA ASN A 130 3.81 6.02 -13.66
C ASN A 130 2.73 6.15 -12.62
N ILE A 131 1.82 5.18 -12.56
CA ILE A 131 0.83 5.18 -11.49
CA ILE A 131 0.78 5.14 -11.53
C ILE A 131 0.95 3.89 -10.67
N TYR A 132 0.97 4.08 -9.36
CA TYR A 132 1.10 2.96 -8.42
C TYR A 132 -0.27 2.53 -7.93
N VAL A 133 -0.58 1.24 -8.09
CA VAL A 133 -1.84 0.70 -7.62
C VAL A 133 -1.59 -0.14 -6.37
N SER A 134 -2.20 0.28 -5.27
CA SER A 134 -2.09 -0.40 -3.97
C SER A 134 -3.40 -1.09 -3.62
N GLY A 135 -3.37 -2.40 -3.45
CA GLY A 135 -4.56 -3.14 -3.09
C GLY A 135 -4.46 -3.60 -1.65
N ILE A 136 -5.38 -3.11 -0.82
CA ILE A 136 -5.30 -3.31 0.62
C ILE A 136 -6.09 -4.52 1.09
N ASP A 137 -5.48 -5.26 2.01
CA ASP A 137 -6.00 -6.53 2.50
C ASP A 137 -7.08 -6.33 3.56
N THR A 138 -8.23 -5.78 3.18
CA THR A 138 -9.29 -5.55 4.16
C THR A 138 -10.62 -5.15 3.52
N TYR A 139 -11.71 -5.43 4.22
CA TYR A 139 -13.02 -4.92 3.84
C TYR A 139 -13.27 -3.62 4.61
N GLY A 140 -14.32 -2.90 4.22
CA GLY A 140 -14.77 -1.74 4.98
C GLY A 140 -14.29 -0.42 4.43
N PRO A 141 -14.40 0.64 5.23
CA PRO A 141 -13.97 1.98 4.84
C PRO A 141 -12.52 2.00 4.35
N ILE A 142 -12.27 2.76 3.28
CA ILE A 142 -10.96 2.80 2.67
C ILE A 142 -9.90 3.35 3.64
N SER A 143 -10.32 4.12 4.63
CA SER A 143 -9.39 4.71 5.59
C SER A 143 -8.74 3.65 6.50
N SER A 144 -9.31 2.46 6.52
CA SER A 144 -8.79 1.38 7.36
C SER A 144 -7.32 1.13 7.05
N VAL A 145 -6.51 1.05 8.10
CA VAL A 145 -5.08 0.78 7.95
C VAL A 145 -4.85 -0.72 7.80
N SER A 146 -4.12 -1.10 6.75
CA SER A 146 -3.73 -2.48 6.58
C SER A 146 -2.53 -2.58 5.65
N ARG A 147 -1.99 -3.79 5.56
CA ARG A 147 -0.89 -4.08 4.68
C ARG A 147 -1.37 -4.01 3.24
N SER A 148 -0.44 -3.79 2.32
CA SER A 148 -0.76 -3.67 0.90
C SER A 148 -0.29 -4.91 0.16
N ASP A 149 -1.19 -5.87 -0.03
CA ASP A 149 -0.82 -7.14 -0.64
C ASP A 149 -0.71 -7.08 -2.16
N VAL A 150 -1.31 -6.06 -2.75
CA VAL A 150 -1.18 -5.83 -4.19
C VAL A 150 -0.38 -4.56 -4.42
N ASN A 151 0.66 -4.68 -5.23
CA ASN A 151 1.57 -3.57 -5.48
C ASN A 151 1.97 -3.57 -6.94
N ILE A 152 1.20 -2.86 -7.75
CA ILE A 152 1.38 -2.90 -9.19
C ILE A 152 1.71 -1.51 -9.72
N LEU A 153 2.79 -1.43 -10.48
CA LEU A 153 3.17 -0.18 -11.13
C LEU A 153 2.68 -0.20 -12.58
N MET A 154 1.96 0.84 -12.98
CA MET A 154 1.50 0.95 -14.35
C MET A 154 2.28 2.08 -15.02
N THR A 155 3.18 1.71 -15.94
CA THR A 155 3.92 2.68 -16.73
C THR A 155 3.17 2.93 -18.02
N VAL A 156 2.79 4.19 -18.25
CA VAL A 156 1.98 4.57 -19.39
C VAL A 156 2.75 5.53 -20.28
N ASN A 157 2.79 5.22 -21.58
CA ASN A 157 3.34 6.14 -22.59
C ASN A 157 2.24 6.51 -23.57
N ARG A 158 1.79 7.76 -23.48
CA ARG A 158 0.67 8.25 -24.29
CA ARG A 158 0.66 8.24 -24.29
C ARG A 158 1.05 8.44 -25.76
N ASP A 159 2.35 8.47 -26.03
CA ASP A 159 2.81 8.66 -27.41
C ASP A 159 2.80 7.34 -28.18
N THR A 160 3.40 6.32 -27.58
CA THR A 160 3.49 5.01 -28.20
C THR A 160 2.24 4.19 -27.93
N LYS A 161 1.38 4.69 -27.03
CA LYS A 161 0.16 3.97 -26.66
C LYS A 161 0.52 2.61 -26.11
N LYS A 162 1.47 2.59 -25.18
CA LYS A 162 1.93 1.37 -24.56
C LYS A 162 1.75 1.47 -23.05
N ILE A 163 1.37 0.36 -22.44
CA ILE A 163 1.29 0.28 -20.99
C ILE A 163 2.09 -0.93 -20.52
N LEU A 164 2.88 -0.73 -19.46
CA LEU A 164 3.58 -1.84 -18.82
C LEU A 164 3.11 -1.99 -17.38
N LEU A 165 2.63 -3.19 -17.04
CA LEU A 165 2.26 -3.50 -15.67
C LEU A 165 3.42 -4.25 -15.03
N THR A 166 3.98 -3.64 -13.99
CA THR A 166 5.04 -4.29 -13.21
C THR A 166 4.52 -4.69 -11.83
N THR A 167 4.44 -5.99 -11.58
CA THR A 167 4.01 -6.49 -10.29
C THR A 167 5.20 -6.79 -9.40
N THR A 168 5.12 -6.33 -8.15
CA THR A 168 6.12 -6.69 -7.15
C THR A 168 5.42 -7.51 -6.09
N PRO A 169 5.84 -8.78 -5.90
CA PRO A 169 5.18 -9.64 -4.92
C PRO A 169 5.08 -8.99 -3.55
N ALA A 170 4.01 -9.29 -2.83
CA ALA A 170 3.79 -8.75 -1.49
C ALA A 170 4.93 -9.10 -0.53
N ASP A 171 5.55 -10.26 -0.73
CA ASP A 171 6.60 -10.78 0.15
CA ASP A 171 6.59 -10.73 0.18
C ASP A 171 7.99 -10.27 -0.22
N ALA A 172 8.09 -9.49 -1.29
CA ALA A 172 9.39 -8.97 -1.72
C ALA A 172 10.14 -8.31 -0.56
N TYR A 173 11.37 -8.75 -0.36
CA TYR A 173 12.20 -8.31 0.77
C TYR A 173 13.03 -7.12 0.34
N VAL A 174 12.56 -5.92 0.68
CA VAL A 174 13.18 -4.70 0.21
C VAL A 174 13.29 -3.68 1.34
N PRO A 175 14.18 -2.68 1.17
CA PRO A 175 14.28 -1.58 2.14
C PRO A 175 12.98 -0.78 2.14
N ILE A 176 12.31 -0.71 3.28
CA ILE A 176 11.04 0.01 3.37
C ILE A 176 11.29 1.46 3.78
N ALA A 177 10.82 2.39 2.95
CA ALA A 177 11.07 3.81 3.16
C ALA A 177 10.24 4.40 4.31
N ASP A 178 10.64 5.60 4.73
CA ASP A 178 9.87 6.37 5.71
C ASP A 178 9.78 5.65 7.05
N GLY A 179 8.56 5.30 7.47
CA GLY A 179 8.38 4.60 8.74
C GLY A 179 9.14 3.29 8.82
N GLY A 180 9.48 2.72 7.67
CA GLY A 180 10.24 1.48 7.62
C GLY A 180 11.71 1.70 7.93
N ASN A 181 12.11 2.96 8.01
CA ASN A 181 13.49 3.32 8.36
C ASN A 181 14.52 2.75 7.40
N ASN A 182 14.09 2.50 6.17
CA ASN A 182 14.96 1.95 5.11
C ASN A 182 15.56 0.61 5.46
N GLN A 183 14.94 -0.10 6.38
CA GLN A 183 15.38 -1.45 6.75
C GLN A 183 14.57 -2.48 5.97
N LYS A 184 15.17 -3.64 5.73
CA LYS A 184 14.54 -4.64 4.88
C LYS A 184 13.36 -5.33 5.56
N ASP A 185 12.28 -5.50 4.80
CA ASP A 185 11.09 -6.17 5.27
C ASP A 185 10.25 -6.50 4.05
N LYS A 186 9.19 -7.27 4.23
CA LYS A 186 8.31 -7.57 3.11
C LYS A 186 7.56 -6.32 2.67
N LEU A 187 7.51 -6.10 1.35
CA LEU A 187 6.90 -4.92 0.75
C LEU A 187 5.52 -4.61 1.30
N THR A 188 4.74 -5.65 1.56
CA THR A 188 3.36 -5.45 1.99
C THR A 188 3.26 -4.65 3.30
N HIS A 189 4.27 -4.77 4.17
CA HIS A 189 4.28 -4.00 5.42
C HIS A 189 4.37 -2.49 5.21
N ALA A 190 4.95 -2.07 4.08
CA ALA A 190 5.03 -0.63 3.77
C ALA A 190 3.65 -0.01 3.81
N GLY A 191 2.65 -0.76 3.37
CA GLY A 191 1.28 -0.25 3.32
C GLY A 191 0.77 0.16 4.69
N ILE A 192 1.28 -0.49 5.74
CA ILE A 192 0.87 -0.14 7.10
C ILE A 192 1.38 1.25 7.49
N TYR A 193 2.62 1.55 7.11
CA TYR A 193 3.18 2.88 7.39
C TYR A 193 2.40 3.94 6.61
N GLY A 194 1.88 3.54 5.45
CA GLY A 194 1.07 4.45 4.64
C GLY A 194 1.42 4.32 3.17
N VAL A 195 0.56 4.86 2.31
CA VAL A 195 0.77 4.74 0.86
C VAL A 195 2.06 5.46 0.47
N ASP A 196 2.36 6.53 1.18
CA ASP A 196 3.63 7.26 1.03
CA ASP A 196 3.62 7.25 0.96
C ASP A 196 4.82 6.32 1.13
N SER A 197 4.81 5.48 2.17
CA SER A 197 5.90 4.53 2.39
C SER A 197 6.00 3.55 1.23
N SER A 198 4.87 3.00 0.80
CA SER A 198 4.85 2.08 -0.34
C SER A 198 5.40 2.74 -1.60
N ILE A 199 4.93 3.96 -1.88
CA ILE A 199 5.37 4.69 -3.06
C ILE A 199 6.88 4.91 -3.05
N HIS A 200 7.40 5.44 -1.95
CA HIS A 200 8.82 5.75 -1.86
C HIS A 200 9.66 4.47 -1.90
N THR A 201 9.12 3.39 -1.33
CA THR A 201 9.82 2.11 -1.35
C THR A 201 10.03 1.62 -2.78
N LEU A 202 8.98 1.74 -3.60
CA LEU A 202 9.06 1.30 -4.99
C LEU A 202 9.84 2.28 -5.86
N GLU A 203 9.77 3.56 -5.55
CA GLU A 203 10.58 4.54 -6.28
C GLU A 203 12.06 4.20 -6.10
N ASN A 204 12.44 3.87 -4.87
CA ASN A 204 13.82 3.55 -4.55
C ASN A 204 14.27 2.25 -5.20
N LEU A 205 13.39 1.25 -5.13
CA LEU A 205 13.67 -0.06 -5.69
C LEU A 205 13.90 0.00 -7.19
N TYR A 206 13.02 0.68 -7.91
CA TYR A 206 13.05 0.68 -9.36
C TYR A 206 13.69 1.94 -9.98
N GLY A 207 14.06 2.90 -9.15
CA GLY A 207 14.73 4.09 -9.64
C GLY A 207 13.90 4.94 -10.60
N VAL A 208 12.61 5.08 -10.31
CA VAL A 208 11.74 5.93 -11.12
C VAL A 208 10.85 6.78 -10.23
N ASP A 209 10.35 7.88 -10.79
CA ASP A 209 9.36 8.69 -10.10
C ASP A 209 7.98 8.08 -10.29
N ILE A 210 7.22 7.98 -9.21
CA ILE A 210 5.84 7.56 -9.31
C ILE A 210 4.97 8.81 -9.28
N ASN A 211 4.30 9.08 -10.39
CA ASN A 211 3.53 10.32 -10.57
C ASN A 211 2.25 10.35 -9.75
N TYR A 212 1.54 9.24 -9.74
CA TYR A 212 0.26 9.17 -9.04
C TYR A 212 0.10 7.83 -8.35
N TYR A 213 -0.89 7.73 -7.47
CA TYR A 213 -1.27 6.44 -6.89
C TYR A 213 -2.77 6.32 -6.83
N VAL A 214 -3.22 5.06 -6.78
CA VAL A 214 -4.59 4.74 -6.41
CA VAL A 214 -4.59 4.72 -6.46
C VAL A 214 -4.54 3.65 -5.37
N ARG A 215 -5.33 3.83 -4.32
CA ARG A 215 -5.39 2.86 -3.22
C ARG A 215 -6.81 2.38 -3.04
N LEU A 216 -6.98 1.07 -3.00
CA LEU A 216 -8.31 0.51 -2.86
C LEU A 216 -8.26 -0.80 -2.07
N ASN A 217 -9.36 -1.15 -1.42
CA ASN A 217 -9.43 -2.41 -0.68
C ASN A 217 -10.51 -3.33 -1.28
N PHE A 218 -10.80 -4.44 -0.59
CA PHE A 218 -11.75 -5.41 -1.11
C PHE A 218 -13.08 -4.76 -1.46
N THR A 219 -13.58 -3.92 -0.57
CA THR A 219 -14.87 -3.28 -0.77
C THR A 219 -14.85 -2.34 -1.96
N SER A 220 -13.75 -1.61 -2.11
CA SER A 220 -13.59 -0.69 -3.23
C SER A 220 -13.59 -1.43 -4.56
N PHE A 221 -12.88 -2.55 -4.59
CA PHE A 221 -12.76 -3.37 -5.79
C PHE A 221 -14.11 -3.92 -6.21
N LEU A 222 -14.88 -4.37 -5.22
CA LEU A 222 -16.21 -4.90 -5.50
C LEU A 222 -17.12 -3.85 -6.14
N LYS A 223 -17.12 -2.64 -5.60
CA LYS A 223 -17.97 -1.58 -6.12
C LYS A 223 -17.58 -1.23 -7.55
N MET A 224 -16.28 -1.20 -7.81
CA MET A 224 -15.76 -0.87 -9.13
C MET A 224 -16.19 -1.90 -10.17
N ILE A 225 -16.01 -3.19 -9.87
CA ILE A 225 -16.41 -4.22 -10.81
C ILE A 225 -17.92 -4.16 -11.08
N ASP A 226 -18.71 -4.02 -10.03
CA ASP A 226 -20.17 -3.88 -10.18
C ASP A 226 -20.48 -2.74 -11.11
N LEU A 227 -19.96 -1.56 -10.77
CA LEU A 227 -20.20 -0.35 -11.53
C LEU A 227 -19.92 -0.54 -13.02
N LEU A 228 -18.85 -1.29 -13.32
CA LEU A 228 -18.41 -1.46 -14.71
C LEU A 228 -19.17 -2.56 -15.45
N GLY A 229 -20.06 -3.24 -14.74
CA GLY A 229 -20.83 -4.33 -15.34
C GLY A 229 -20.04 -5.62 -15.42
N GLY A 230 -19.15 -5.85 -14.46
CA GLY A 230 -18.30 -7.03 -14.48
C GLY A 230 -17.18 -6.89 -15.48
N VAL A 231 -16.32 -7.89 -15.58
CA VAL A 231 -15.20 -7.85 -16.52
C VAL A 231 -14.99 -9.18 -17.23
N ASP A 232 -14.35 -9.12 -18.40
CA ASP A 232 -14.16 -10.30 -19.22
C ASP A 232 -12.69 -10.64 -19.42
N VAL A 233 -12.31 -11.87 -19.08
CA VAL A 233 -10.94 -12.30 -19.20
C VAL A 233 -10.84 -13.63 -19.95
N HIS A 234 -9.63 -13.98 -20.37
CA HIS A 234 -9.36 -15.32 -20.89
C HIS A 234 -8.56 -16.06 -19.84
N ASN A 235 -9.13 -17.13 -19.31
CA ASN A 235 -8.48 -17.93 -18.27
C ASN A 235 -7.67 -19.08 -18.87
N ASP A 236 -6.41 -19.17 -18.48
CA ASP A 236 -5.47 -20.10 -19.09
C ASP A 236 -5.47 -21.47 -18.43
N GLN A 237 -5.82 -21.52 -17.15
CA GLN A 237 -5.85 -22.79 -16.43
C GLN A 237 -7.08 -22.88 -15.54
N GLU A 238 -7.68 -24.05 -15.53
CA GLU A 238 -8.82 -24.33 -14.66
C GLU A 238 -8.41 -24.22 -13.19
N PHE A 239 -9.12 -23.41 -12.41
CA PHE A 239 -8.89 -23.34 -10.97
C PHE A 239 -10.13 -22.89 -10.20
N SER A 240 -10.11 -23.11 -8.90
CA SER A 240 -11.18 -22.65 -8.03
C SER A 240 -10.59 -21.73 -6.96
N ALA A 241 -11.40 -20.79 -6.48
CA ALA A 241 -10.93 -19.81 -5.50
C ALA A 241 -11.83 -19.75 -4.27
N LEU A 242 -11.26 -19.28 -3.17
CA LEU A 242 -12.00 -19.09 -1.93
C LEU A 242 -12.63 -20.39 -1.47
N HIS A 243 -11.78 -21.38 -1.22
CA HIS A 243 -12.22 -22.69 -0.75
C HIS A 243 -13.37 -23.25 -1.60
N GLY A 244 -13.17 -23.26 -2.91
CA GLY A 244 -14.09 -23.91 -3.83
C GLY A 244 -15.36 -23.15 -4.15
N LYS A 245 -15.52 -21.96 -3.59
CA LYS A 245 -16.75 -21.21 -3.82
C LYS A 245 -16.92 -20.89 -5.30
N PHE A 246 -15.85 -20.43 -5.95
CA PHE A 246 -15.91 -20.11 -7.36
C PHE A 246 -15.02 -21.03 -8.18
N HIS A 247 -15.52 -21.43 -9.35
CA HIS A 247 -14.78 -22.29 -10.26
C HIS A 247 -14.61 -21.56 -11.59
N PHE A 248 -13.39 -21.59 -12.12
CA PHE A 248 -13.10 -20.94 -13.39
C PHE A 248 -12.52 -21.95 -14.37
N PRO A 249 -13.27 -22.24 -15.44
CA PRO A 249 -12.80 -23.15 -16.48
C PRO A 249 -11.83 -22.45 -17.42
N VAL A 250 -11.18 -23.24 -18.28
CA VAL A 250 -10.36 -22.67 -19.33
C VAL A 250 -11.27 -21.98 -20.35
N GLY A 251 -10.80 -20.87 -20.90
CA GLY A 251 -11.56 -20.15 -21.91
C GLY A 251 -11.99 -18.76 -21.47
N ASN A 252 -12.84 -18.12 -22.26
CA ASN A 252 -13.35 -16.80 -21.94
C ASN A 252 -14.31 -16.84 -20.76
N VAL A 253 -14.04 -16.05 -19.74
CA VAL A 253 -14.88 -16.00 -18.56
C VAL A 253 -15.35 -14.59 -18.23
N HIS A 254 -16.63 -14.45 -17.94
CA HIS A 254 -17.16 -13.20 -17.41
C HIS A 254 -17.22 -13.26 -15.89
N LEU A 255 -16.70 -12.22 -15.25
CA LEU A 255 -16.58 -12.18 -13.80
C LEU A 255 -17.42 -11.05 -13.22
N ASP A 256 -18.37 -11.39 -12.34
CA ASP A 256 -19.06 -10.36 -11.58
C ASP A 256 -18.17 -9.95 -10.41
N SER A 257 -18.63 -9.01 -9.59
CA SER A 257 -17.79 -8.48 -8.52
C SER A 257 -17.19 -9.58 -7.63
N GLU A 258 -18.02 -10.44 -7.06
CA GLU A 258 -17.53 -11.46 -6.13
C GLU A 258 -16.61 -12.49 -6.78
N GLN A 259 -16.95 -12.92 -7.99
CA GLN A 259 -16.08 -13.83 -8.74
C GLN A 259 -14.71 -13.19 -8.99
N ALA A 260 -14.73 -11.95 -9.47
CA ALA A 260 -13.49 -11.24 -9.80
C ALA A 260 -12.59 -11.12 -8.58
N LEU A 261 -13.18 -10.91 -7.41
CA LEU A 261 -12.41 -10.79 -6.19
C LEU A 261 -11.75 -12.13 -5.86
N GLY A 262 -12.49 -13.21 -6.05
CA GLY A 262 -11.92 -14.54 -5.87
C GLY A 262 -10.82 -14.78 -6.89
N PHE A 263 -11.08 -14.36 -8.13
CA PHE A 263 -10.15 -14.56 -9.23
C PHE A 263 -8.80 -13.92 -8.97
N VAL A 264 -8.78 -12.78 -8.29
CA VAL A 264 -7.53 -12.07 -8.04
C VAL A 264 -6.88 -12.45 -6.70
N ARG A 265 -7.56 -13.28 -5.91
CA ARG A 265 -7.06 -13.66 -4.59
C ARG A 265 -6.43 -15.05 -4.50
N GLU A 266 -6.89 -15.99 -5.32
CA GLU A 266 -6.41 -17.38 -5.23
C GLU A 266 -4.95 -17.50 -5.67
N ARG A 267 -4.22 -18.33 -4.94
CA ARG A 267 -2.77 -18.45 -5.13
C ARG A 267 -2.29 -19.91 -5.08
N TYR A 268 -2.60 -20.61 -4.01
CA TYR A 268 -1.95 -21.89 -3.70
C TYR A 268 -2.16 -23.02 -4.72
N SER A 269 -3.33 -23.03 -5.37
CA SER A 269 -3.66 -24.13 -6.27
C SER A 269 -3.22 -23.86 -7.71
N LEU A 270 -2.69 -22.66 -7.96
CA LEU A 270 -2.26 -22.30 -9.30
C LEU A 270 -0.91 -22.96 -9.61
N ALA A 271 -0.71 -23.32 -10.87
CA ALA A 271 0.50 -24.03 -11.29
C ALA A 271 1.76 -23.28 -10.86
N ASP A 272 1.73 -21.96 -10.96
CA ASP A 272 2.90 -21.16 -10.61
C ASP A 272 2.60 -20.21 -9.43
N GLY A 273 1.68 -20.63 -8.58
CA GLY A 273 1.42 -19.94 -7.32
C GLY A 273 1.24 -18.44 -7.42
N ASP A 274 1.99 -17.71 -6.60
CA ASP A 274 1.83 -16.25 -6.51
C ASP A 274 2.08 -15.58 -7.86
N ARG A 275 2.98 -16.14 -8.66
CA ARG A 275 3.26 -15.58 -9.97
C ARG A 275 2.03 -15.65 -10.87
N ASP A 276 1.32 -16.77 -10.82
CA ASP A 276 0.08 -16.90 -11.58
C ASP A 276 -1.00 -15.99 -11.04
N ARG A 277 -1.05 -15.82 -9.72
CA ARG A 277 -2.00 -14.87 -9.14
C ARG A 277 -1.70 -13.46 -9.65
N GLY A 278 -0.42 -13.11 -9.69
CA GLY A 278 -0.01 -11.82 -10.22
C GLY A 278 -0.47 -11.63 -11.65
N ARG A 279 -0.39 -12.69 -12.45
CA ARG A 279 -0.84 -12.64 -13.84
C ARG A 279 -2.36 -12.50 -13.94
N ASN A 280 -3.06 -13.14 -13.03
CA ASN A 280 -4.52 -13.05 -13.00
C ASN A 280 -4.94 -11.62 -12.66
N GLN A 281 -4.21 -11.01 -11.73
CA GLN A 281 -4.47 -9.61 -11.38
C GLN A 281 -4.26 -8.68 -12.58
N GLN A 282 -3.23 -8.99 -13.36
CA GLN A 282 -2.90 -8.23 -14.55
C GLN A 282 -3.99 -8.38 -15.62
N LYS A 283 -4.52 -9.59 -15.75
CA LYS A 283 -5.63 -9.84 -16.67
C LYS A 283 -6.83 -9.00 -16.29
N VAL A 284 -7.10 -8.89 -14.99
CA VAL A 284 -8.24 -8.14 -14.53
C VAL A 284 -8.03 -6.64 -14.78
N ILE A 285 -6.81 -6.16 -14.56
CA ILE A 285 -6.51 -4.76 -14.84
C ILE A 285 -6.76 -4.44 -16.31
N VAL A 286 -6.29 -5.31 -17.20
CA VAL A 286 -6.51 -5.09 -18.62
C VAL A 286 -8.01 -5.07 -18.92
N ALA A 287 -8.77 -5.97 -18.30
CA ALA A 287 -10.20 -6.03 -18.49
C ALA A 287 -10.91 -4.77 -18.00
N ILE A 288 -10.49 -4.28 -16.83
CA ILE A 288 -11.02 -3.03 -16.28
C ILE A 288 -10.74 -1.87 -17.23
N LEU A 289 -9.51 -1.81 -17.73
CA LEU A 289 -9.11 -0.75 -18.68
C LEU A 289 -9.98 -0.78 -19.93
N GLN A 290 -10.32 -1.98 -20.39
CA GLN A 290 -11.16 -2.13 -21.56
C GLN A 290 -12.55 -1.53 -21.31
N LYS A 291 -13.08 -1.71 -20.10
CA LYS A 291 -14.37 -1.12 -19.76
C LYS A 291 -14.25 0.39 -19.55
N LEU A 292 -13.15 0.84 -18.95
CA LEU A 292 -12.98 2.26 -18.62
C LEU A 292 -12.73 3.11 -19.86
N THR A 293 -12.29 2.47 -20.94
CA THR A 293 -12.03 3.19 -22.18
C THR A 293 -13.13 2.96 -23.21
N SER A 294 -14.26 2.43 -22.77
CA SER A 294 -15.45 2.39 -23.61
C SER A 294 -15.99 3.80 -23.71
N THR A 295 -16.64 4.13 -24.82
CA THR A 295 -17.16 5.48 -25.01
C THR A 295 -18.16 5.83 -23.92
N GLU A 296 -18.97 4.86 -23.52
CA GLU A 296 -19.99 5.10 -22.49
C GLU A 296 -19.31 5.52 -21.19
N ALA A 297 -18.25 4.78 -20.81
CA ALA A 297 -17.54 5.06 -19.57
C ALA A 297 -16.80 6.39 -19.62
N LEU A 298 -16.18 6.69 -20.76
CA LEU A 298 -15.44 7.94 -20.91
C LEU A 298 -16.41 9.12 -20.85
N LYS A 299 -17.55 8.99 -21.52
CA LYS A 299 -18.54 10.05 -21.54
C LYS A 299 -19.11 10.27 -20.14
N ASN A 300 -19.22 9.20 -19.37
CA ASN A 300 -19.84 9.25 -18.05
C ASN A 300 -18.85 9.11 -16.90
N TYR A 301 -17.63 9.57 -17.14
CA TYR A 301 -16.56 9.48 -16.14
C TYR A 301 -16.93 10.20 -14.84
N SER A 302 -17.69 11.29 -14.93
CA SER A 302 -18.06 12.04 -13.73
C SER A 302 -18.91 11.17 -12.80
N THR A 303 -19.79 10.37 -13.39
CA THR A 303 -20.63 9.44 -12.63
C THR A 303 -19.75 8.36 -11.98
N ILE A 304 -18.72 7.91 -12.69
CA ILE A 304 -17.81 6.92 -12.14
C ILE A 304 -17.04 7.52 -10.96
N ILE A 305 -16.55 8.74 -11.12
CA ILE A 305 -15.89 9.42 -10.01
C ILE A 305 -16.82 9.54 -8.80
N ASN A 306 -18.04 10.02 -9.04
CA ASN A 306 -19.04 10.13 -7.97
C ASN A 306 -19.32 8.80 -7.27
N SER A 307 -19.26 7.73 -8.03
CA SER A 307 -19.66 6.41 -7.55
C SER A 307 -18.55 5.71 -6.75
N LEU A 308 -17.31 6.12 -7.00
CA LEU A 308 -16.17 5.45 -6.37
C LEU A 308 -15.35 6.36 -5.43
N GLN A 309 -15.68 7.64 -5.37
CA GLN A 309 -14.82 8.59 -4.66
C GLN A 309 -14.69 8.30 -3.16
N ASP A 310 -15.74 7.75 -2.55
CA ASP A 310 -15.70 7.47 -1.11
C ASP A 310 -15.02 6.13 -0.78
N SER A 311 -14.65 5.35 -1.79
CA SER A 311 -14.01 4.05 -1.51
C SER A 311 -12.66 3.88 -2.17
N ILE A 312 -12.23 4.86 -2.96
CA ILE A 312 -10.94 4.77 -3.63
C ILE A 312 -10.13 6.03 -3.44
N GLN A 313 -8.95 5.89 -2.82
CA GLN A 313 -8.08 7.04 -2.60
C GLN A 313 -7.12 7.21 -3.76
N THR A 314 -6.95 8.46 -4.20
CA THR A 314 -6.01 8.75 -5.29
C THR A 314 -5.52 10.19 -5.18
N ASN A 315 -4.33 10.44 -5.72
CA ASN A 315 -3.84 11.82 -5.82
C ASN A 315 -3.85 12.29 -7.27
N VAL A 316 -4.49 11.52 -8.15
CA VAL A 316 -4.65 11.96 -9.54
C VAL A 316 -5.57 13.19 -9.55
N PRO A 317 -5.07 14.34 -10.01
CA PRO A 317 -5.92 15.53 -10.01
C PRO A 317 -7.11 15.39 -10.96
N LEU A 318 -8.21 16.04 -10.61
CA LEU A 318 -9.41 16.02 -11.44
C LEU A 318 -9.07 16.46 -12.85
N GLU A 319 -8.29 17.54 -12.95
CA GLU A 319 -7.87 18.08 -14.23
C GLU A 319 -7.18 17.01 -15.07
N THR A 320 -6.37 16.18 -14.40
CA THR A 320 -5.63 15.13 -15.09
C THR A 320 -6.56 14.05 -15.62
N MET A 321 -7.52 13.64 -14.79
CA MET A 321 -8.52 12.68 -15.22
CA MET A 321 -8.54 12.69 -15.21
C MET A 321 -9.25 13.20 -16.45
N ILE A 322 -9.66 14.46 -16.40
CA ILE A 322 -10.40 15.06 -17.50
C ILE A 322 -9.55 15.06 -18.77
N ASN A 323 -8.27 15.38 -18.65
CA ASN A 323 -7.37 15.37 -19.81
C ASN A 323 -7.26 13.97 -20.41
N LEU A 324 -7.00 13.00 -19.56
CA LEU A 324 -6.85 11.61 -19.98
C LEU A 324 -8.12 11.12 -20.67
N VAL A 325 -9.26 11.37 -20.04
CA VAL A 325 -10.54 10.93 -20.60
C VAL A 325 -10.84 11.56 -21.94
N ASN A 326 -10.75 12.89 -22.01
CA ASN A 326 -11.10 13.59 -23.24
C ASN A 326 -10.12 13.27 -24.38
N ALA A 327 -8.85 13.10 -24.06
CA ALA A 327 -7.87 12.73 -25.08
C ALA A 327 -8.24 11.39 -25.70
N GLN A 328 -8.66 10.45 -24.85
CA GLN A 328 -9.07 9.14 -25.32
C GLN A 328 -10.36 9.23 -26.12
N LEU A 329 -11.28 10.09 -25.69
CA LEU A 329 -12.56 10.28 -26.38
C LEU A 329 -12.35 10.73 -27.82
N GLU A 330 -11.44 11.70 -28.01
CA GLU A 330 -11.22 12.28 -29.32
C GLU A 330 -10.40 11.36 -30.21
N SER A 331 -9.26 10.91 -29.71
CA SER A 331 -8.32 10.13 -30.51
C SER A 331 -8.74 8.67 -30.66
N GLY A 332 -9.44 8.15 -29.65
CA GLY A 332 -9.76 6.74 -29.60
C GLY A 332 -8.47 5.92 -29.57
N GLY A 333 -8.52 4.70 -30.09
CA GLY A 333 -7.34 3.88 -30.22
C GLY A 333 -6.99 3.13 -28.95
N ASN A 334 -6.58 1.88 -29.12
CA ASN A 334 -6.26 1.01 -27.99
C ASN A 334 -4.80 1.12 -27.54
N TYR A 335 -4.60 0.98 -26.24
CA TYR A 335 -3.26 0.80 -25.69
C TYR A 335 -2.92 -0.68 -25.72
N LYS A 336 -1.68 -1.01 -26.09
CA LYS A 336 -1.20 -2.37 -25.94
C LYS A 336 -0.61 -2.52 -24.54
N VAL A 337 -0.97 -3.59 -23.86
CA VAL A 337 -0.50 -3.81 -22.49
C VAL A 337 0.48 -4.99 -22.40
N ASN A 338 1.63 -4.75 -21.78
CA ASN A 338 2.55 -5.82 -21.45
C ASN A 338 2.71 -5.93 -19.94
N SER A 339 3.15 -7.09 -19.47
CA SER A 339 3.26 -7.33 -18.04
C SER A 339 4.58 -7.99 -17.68
N GLN A 340 5.01 -7.79 -16.44
CA GLN A 340 6.20 -8.44 -15.90
C GLN A 340 6.09 -8.48 -14.37
N ASP A 341 6.92 -9.30 -13.75
CA ASP A 341 6.87 -9.47 -12.30
C ASP A 341 8.28 -9.66 -11.77
N LEU A 342 8.58 -9.02 -10.63
CA LEU A 342 9.89 -9.16 -10.01
C LEU A 342 10.04 -10.55 -9.41
N LYS A 343 11.17 -11.20 -9.69
CA LYS A 343 11.37 -12.60 -9.35
C LYS A 343 12.27 -12.70 -8.14
N GLY A 344 12.16 -13.80 -7.41
CA GLY A 344 12.97 -14.00 -6.22
C GLY A 344 12.90 -15.42 -5.68
N THR A 345 13.49 -15.62 -4.51
CA THR A 345 13.54 -16.93 -3.87
C THR A 345 12.97 -16.84 -2.47
N GLY A 346 11.97 -17.67 -2.17
CA GLY A 346 11.38 -17.69 -0.84
C GLY A 346 12.38 -18.13 0.23
N ARG A 347 12.33 -17.47 1.39
CA ARG A 347 13.21 -17.81 2.51
C ARG A 347 12.48 -17.62 3.84
N MET A 348 12.87 -18.39 4.85
CA MET A 348 12.27 -18.25 6.19
C MET A 348 13.26 -17.72 7.22
N ASP A 349 14.49 -17.42 6.80
CA ASP A 349 15.55 -17.15 7.76
C ASP A 349 16.03 -15.70 7.76
N LEU A 350 15.27 -14.80 7.14
CA LEU A 350 15.64 -13.39 7.09
C LEU A 350 14.73 -12.59 8.02
N PRO A 351 15.31 -11.63 8.76
CA PRO A 351 14.55 -10.89 9.77
C PRO A 351 13.56 -9.88 9.18
N SER A 352 12.40 -9.80 9.81
CA SER A 352 11.40 -8.78 9.49
C SER A 352 11.62 -7.59 10.42
N TYR A 353 11.86 -6.42 9.86
CA TYR A 353 12.08 -5.23 10.67
C TYR A 353 10.86 -4.93 11.56
N ALA A 354 9.67 -5.08 11.00
CA ALA A 354 8.45 -4.76 11.74
C ALA A 354 8.14 -5.82 12.80
N MET A 355 8.47 -7.08 12.50
CA MET A 355 8.16 -8.19 13.40
C MET A 355 9.45 -8.95 13.72
N PRO A 356 10.33 -8.35 14.52
CA PRO A 356 11.66 -8.90 14.81
C PRO A 356 11.65 -10.26 15.53
N ASP A 357 10.54 -10.62 16.18
CA ASP A 357 10.52 -11.85 16.97
C ASP A 357 9.90 -13.04 16.25
N SER A 358 9.45 -12.82 15.02
CA SER A 358 8.76 -13.87 14.27
C SER A 358 9.62 -14.34 13.10
N ASN A 359 9.53 -15.63 12.78
CA ASN A 359 10.00 -16.15 11.50
C ASN A 359 8.95 -15.94 10.44
N LEU A 360 9.24 -15.13 9.43
CA LEU A 360 8.30 -14.87 8.34
C LEU A 360 8.85 -15.39 7.01
N TYR A 361 7.94 -15.76 6.11
CA TYR A 361 8.31 -16.00 4.73
C TYR A 361 8.55 -14.66 4.02
N VAL A 362 9.71 -14.52 3.38
CA VAL A 362 9.95 -13.37 2.51
C VAL A 362 10.55 -13.84 1.20
N MET A 363 10.51 -12.99 0.19
CA MET A 363 11.09 -13.33 -1.10
C MET A 363 12.33 -12.47 -1.33
N GLU A 364 13.49 -13.12 -1.27
CA GLU A 364 14.75 -12.46 -1.55
C GLU A 364 14.81 -12.18 -3.05
N ILE A 365 15.00 -10.90 -3.39
CA ILE A 365 14.98 -10.47 -4.78
C ILE A 365 16.12 -11.06 -5.60
N ASP A 366 15.78 -11.46 -6.83
CA ASP A 366 16.76 -11.92 -7.80
C ASP A 366 17.31 -10.70 -8.54
N ASP A 367 18.61 -10.45 -8.37
CA ASP A 367 19.24 -9.24 -8.90
C ASP A 367 19.17 -9.11 -10.42
N SER A 368 19.30 -10.23 -11.13
CA SER A 368 19.23 -10.20 -12.57
C SER A 368 17.83 -9.82 -13.03
N SER A 369 16.83 -10.29 -12.29
CA SER A 369 15.43 -9.94 -12.56
C SER A 369 15.17 -8.46 -12.32
N LEU A 370 15.71 -7.95 -11.23
CA LEU A 370 15.56 -6.53 -10.92
C LEU A 370 16.12 -5.68 -12.06
N ALA A 371 17.28 -6.06 -12.57
CA ALA A 371 17.89 -5.31 -13.66
C ALA A 371 16.99 -5.31 -14.90
N VAL A 372 16.43 -6.48 -15.22
CA VAL A 372 15.55 -6.61 -16.38
C VAL A 372 14.26 -5.79 -16.19
N VAL A 373 13.68 -5.88 -15.00
CA VAL A 373 12.45 -5.14 -14.70
C VAL A 373 12.69 -3.64 -14.82
N LYS A 374 13.79 -3.16 -14.25
CA LYS A 374 14.13 -1.74 -14.32
C LYS A 374 14.32 -1.29 -15.77
N ALA A 375 14.99 -2.10 -16.56
CA ALA A 375 15.27 -1.77 -17.95
C ALA A 375 13.99 -1.68 -18.78
N ALA A 376 13.03 -2.56 -18.48
CA ALA A 376 11.76 -2.59 -19.20
C ALA A 376 10.94 -1.34 -18.91
N ILE A 377 10.94 -0.93 -17.64
CA ILE A 377 10.25 0.28 -17.25
C ILE A 377 10.82 1.47 -18.03
N GLN A 378 12.15 1.60 -18.02
CA GLN A 378 12.82 2.66 -18.77
C GLN A 378 12.49 2.61 -20.26
N ASP A 379 12.50 1.41 -20.83
CA ASP A 379 12.20 1.25 -22.24
C ASP A 379 10.82 1.79 -22.60
N VAL A 380 9.79 1.38 -21.87
CA VAL A 380 8.44 1.83 -22.17
C VAL A 380 8.32 3.34 -21.96
N MET A 381 8.94 3.85 -20.91
CA MET A 381 8.91 5.28 -20.64
C MET A 381 9.53 6.04 -21.80
N GLU A 382 10.63 5.52 -22.32
CA GLU A 382 11.40 6.23 -23.34
C GLU A 382 10.94 5.96 -24.76
N GLY A 383 9.99 5.03 -24.92
CA GLY A 383 9.46 4.72 -26.25
C GLY A 383 10.31 3.73 -27.01
N ARG A 384 11.06 2.90 -26.29
CA ARG A 384 11.84 1.83 -26.91
C ARG A 384 11.11 0.50 -26.78
N LYS A 385 11.41 -0.44 -27.68
CA LYS A 385 10.76 -1.74 -27.68
C LYS A 385 11.25 -2.57 -26.49
N LEU A 386 10.41 -3.46 -26.00
CA LEU A 386 10.77 -4.35 -24.91
C LEU A 386 11.68 -5.47 -25.40
N ALA A 387 12.53 -5.97 -24.50
CA ALA A 387 13.43 -7.07 -24.83
C ALA A 387 12.66 -8.39 -24.88
O2 0K3 B . -5.11 -12.99 2.78
P 0K3 B . -5.45 -13.08 1.20
O 0K3 B . -4.44 -13.91 0.51
O1 0K3 B . -6.91 -13.73 0.97
O3 0K3 B . -5.41 -11.59 0.60
C 0K3 B . -6.06 -11.28 -0.62
C1 0K3 B . -5.02 -11.28 -1.72
C2 0K3 B . -4.72 -10.15 -2.36
C3 0K3 B . -3.68 -10.19 -3.45
C4 0K3 B . -5.40 -8.86 -1.99
C5 0K3 B . -5.92 -8.15 -3.23
C6 0K3 B . -6.89 -7.05 -2.84
C7 0K3 B . -7.16 -6.07 -3.70
C8 0K3 B . -8.11 -4.96 -3.34
C9 0K3 B . -6.47 -6.09 -5.04
C10 0K3 B . -7.09 -5.17 -6.08
C11 0K3 B . -7.03 -5.92 -7.38
C12 0K3 B . -6.68 -5.32 -8.53
C13 0K3 B . -6.63 -6.11 -9.81
C14 0K3 B . -6.31 -3.86 -8.52
C15 0K3 B . -7.00 -3.13 -9.66
C16 0K3 B . -7.30 -1.75 -9.13
C17 0K3 B . -7.46 -0.71 -9.94
C39 0K3 B . -7.76 0.65 -9.37
C18 0K3 B . -7.37 -0.89 -11.42
C19 0K3 B . -7.22 0.50 -12.02
C20 0K3 B . -7.60 0.46 -13.47
C21 0K3 B . -7.22 1.46 -14.26
C22 0K3 B . -7.58 1.43 -15.72
C23 0K3 B . -6.42 2.62 -13.71
C24 0K3 B . -5.70 3.28 -14.88
C25 0K3 B . -6.04 4.75 -14.91
C26 0K3 B . -5.38 5.57 -15.74
C27 0K3 B . -5.71 7.03 -15.77
C28 0K3 B . -4.29 5.01 -16.63
C29 0K3 B . -4.36 5.65 -18.02
C30 0K3 B . -4.67 4.57 -19.02
C31 0K3 B . -5.35 4.83 -20.15
C32 0K3 B . -5.61 3.72 -21.13
C33 0K3 B . -5.84 6.23 -20.47
C34 0K3 B . -6.64 6.80 -19.30
C35 0K3 B . -8.12 6.56 -19.45
C36 0K3 B . -8.96 6.90 -18.46
C38 0K3 B . -10.43 6.67 -18.60
C37 0K3 B . -8.41 7.50 -17.20
C1 PEG C . 10.77 -13.59 22.30
O1 PEG C . 10.26 -14.76 22.81
C2 PEG C . 9.92 -12.37 22.40
O2 PEG C . 8.74 -12.37 21.68
C3 PEG C . 7.83 -11.35 21.87
C4 PEG C . 6.47 -11.54 21.30
O4 PEG C . 5.60 -12.43 21.90
H11 PEG C . 11.61 -13.40 22.77
H12 PEG C . 10.98 -13.73 21.36
HO1 PEG C . 9.40 -14.84 22.58
H21 PEG C . 10.45 -11.60 22.12
H22 PEG C . 9.69 -12.24 23.34
H31 PEG C . 7.73 -11.22 22.83
H32 PEG C . 8.21 -10.54 21.50
H41 PEG C . 6.57 -11.80 20.37
H42 PEG C . 6.03 -10.66 21.32
HO4 PEG C . 4.88 -12.53 21.39
#